data_4R8Z
#
_entry.id   4R8Z
#
_cell.length_a   93.984
_cell.length_b   93.984
_cell.length_c   78.469
_cell.angle_alpha   90.000
_cell.angle_beta   90.000
_cell.angle_gamma   90.000
#
_symmetry.space_group_name_H-M   'P 41'
#
loop_
_entity.id
_entity.type
_entity.pdbx_description
1 polymer 'Cyclic di-GMP phosphodiesterase'
2 non-polymer 'NICKEL (II) ION'
3 non-polymer 'CHLORIDE ION'
4 water water
#
_entity_poly.entity_id   1
_entity_poly.type   'polypeptide(L)'
_entity_poly.pdbx_seq_one_letter_code
;RTRQLQQLQDAVIEALATLGDLRDNPRSRHLPRIERYVRLLAEHLAAQRAFADELTPEAVDLLSKSALLHDIGKVAVPDR
VLLNPGQLDAADTALLQGHTRAGRDALASAERRLGQPSGFLRFARQIAYSHHERWDGRGFPEGLAGERIPLAARIVALAD
RYDELTSRHAYRPPLAHAEAVLLIQAGAGSEFDPRLVEAFVAVADAFAEVARRYADSA
;
_entity_poly.pdbx_strand_id   A,B
#
# COMPACT_ATOMS: atom_id res chain seq x y z
N ARG A 1 6.24 -21.30 15.22
CA ARG A 1 6.87 -20.49 16.26
C ARG A 1 6.48 -19.02 16.15
N THR A 2 7.01 -18.35 15.14
CA THR A 2 6.71 -16.89 14.91
C THR A 2 5.86 -16.71 13.64
N ARG A 3 5.07 -17.72 13.34
CA ARG A 3 4.14 -17.67 12.25
C ARG A 3 3.15 -16.51 12.35
N GLN A 4 2.71 -16.17 13.55
CA GLN A 4 1.67 -15.15 13.75
C GLN A 4 2.05 -13.87 12.99
N LEU A 5 3.25 -13.35 13.23
CA LEU A 5 3.70 -12.18 12.50
C LEU A 5 3.91 -12.40 10.99
N GLN A 6 4.32 -13.59 10.57
CA GLN A 6 4.64 -13.81 9.17
C GLN A 6 3.30 -13.87 8.41
N GLN A 7 2.31 -14.49 9.01
CA GLN A 7 1.02 -14.52 8.42
C GLN A 7 0.35 -13.12 8.37
N LEU A 8 0.55 -12.34 9.42
CA LEU A 8 0.03 -11.01 9.43
C LEU A 8 0.68 -10.19 8.30
N GLN A 9 2.00 -10.21 8.18
CA GLN A 9 2.68 -9.53 7.09
C GLN A 9 2.09 -9.97 5.74
N ASP A 10 1.93 -11.27 5.52
CA ASP A 10 1.46 -11.70 4.22
C ASP A 10 0.09 -11.13 3.96
N ALA A 11 -0.78 -11.17 4.96
CA ALA A 11 -2.12 -10.65 4.77
C ALA A 11 -2.17 -9.16 4.48
N VAL A 12 -1.39 -8.39 5.22
CA VAL A 12 -1.34 -6.97 5.03
C VAL A 12 -0.78 -6.60 3.67
N ILE A 13 0.30 -7.24 3.27
CA ILE A 13 0.90 -6.94 1.99
C ILE A 13 -0.08 -7.28 0.88
N GLU A 14 -0.74 -8.42 0.98
CA GLU A 14 -1.67 -8.86 -0.03
C GLU A 14 -2.80 -7.82 -0.11
N ALA A 15 -3.31 -7.38 1.03
CA ALA A 15 -4.42 -6.45 1.02
C ALA A 15 -4.09 -5.13 0.37
N LEU A 16 -2.92 -4.60 0.67
CA LEU A 16 -2.55 -3.29 0.20
C LEU A 16 -2.02 -3.26 -1.23
N ALA A 17 -1.31 -4.31 -1.64
CA ALA A 17 -1.00 -4.44 -3.03
C ALA A 17 -2.29 -4.45 -3.86
N THR A 18 -3.31 -5.13 -3.35
CA THR A 18 -4.62 -5.22 -3.99
C THR A 18 -5.34 -3.91 -4.14
N LEU A 19 -5.35 -3.10 -3.08
CA LEU A 19 -5.75 -1.70 -3.20
C LEU A 19 -4.94 -0.97 -4.24
N GLY A 20 -3.63 -1.17 -4.25
CA GLY A 20 -2.84 -0.49 -5.26
C GLY A 20 -3.21 -0.85 -6.71
N ASP A 21 -4.01 -1.88 -6.93
CA ASP A 21 -4.45 -2.28 -8.28
C ASP A 21 -5.85 -1.72 -8.57
N LEU A 22 -6.48 -1.10 -7.56
CA LEU A 22 -7.88 -0.76 -7.66
C LEU A 22 -8.14 0.19 -8.83
N ARG A 23 -7.21 1.10 -9.09
CA ARG A 23 -7.45 2.12 -10.07
C ARG A 23 -7.40 1.59 -11.51
N ASP A 24 -6.49 0.69 -11.84
CA ASP A 24 -6.43 0.19 -13.20
C ASP A 24 -6.75 -1.27 -13.37
N ASN A 25 -7.02 -2.01 -12.29
CA ASN A 25 -7.21 -3.45 -12.38
C ASN A 25 -8.11 -4.04 -11.26
N PRO A 26 -9.33 -3.53 -11.11
CA PRO A 26 -10.13 -3.84 -9.95
C PRO A 26 -10.73 -5.22 -10.15
N ARG A 27 -11.04 -5.91 -9.06
CA ARG A 27 -11.77 -7.20 -9.13
C ARG A 27 -10.97 -8.31 -9.90
N SER A 28 -9.70 -8.50 -9.57
CA SER A 28 -8.80 -9.32 -10.37
C SER A 28 -8.13 -10.22 -9.43
N ARG A 29 -7.83 -11.43 -9.88
CA ARG A 29 -6.87 -12.27 -9.15
C ARG A 29 -5.42 -12.26 -9.70
N HIS A 30 -5.05 -11.19 -10.40
CA HIS A 30 -3.69 -10.98 -10.88
C HIS A 30 -2.61 -11.33 -9.83
N LEU A 31 -2.79 -10.88 -8.61
CA LEU A 31 -1.72 -10.98 -7.66
C LEU A 31 -1.43 -12.40 -7.15
N PRO A 32 -2.45 -13.12 -6.75
CA PRO A 32 -2.12 -14.51 -6.43
C PRO A 32 -1.65 -15.36 -7.59
N ARG A 33 -2.12 -15.12 -8.81
CA ARG A 33 -1.58 -15.79 -9.98
C ARG A 33 -0.10 -15.45 -10.18
N ILE A 34 0.23 -14.17 -10.18
CA ILE A 34 1.63 -13.80 -10.41
C ILE A 34 2.55 -14.45 -9.42
N GLU A 35 2.11 -14.47 -8.17
CA GLU A 35 2.90 -15.13 -7.16
C GLU A 35 3.22 -16.61 -7.47
N ARG A 36 2.21 -17.34 -7.87
CA ARG A 36 2.40 -18.75 -8.22
C ARG A 36 3.17 -18.91 -9.46
N TYR A 37 2.93 -18.08 -10.47
CA TYR A 37 3.70 -18.24 -11.74
C TYR A 37 5.22 -18.05 -11.40
N VAL A 38 5.51 -17.06 -10.58
CA VAL A 38 6.88 -16.76 -10.18
C VAL A 38 7.49 -17.93 -9.41
N ARG A 39 6.72 -18.45 -8.47
CA ARG A 39 7.21 -19.56 -7.68
C ARG A 39 7.50 -20.80 -8.55
N LEU A 40 6.63 -21.09 -9.51
CA LEU A 40 6.81 -22.27 -10.32
C LEU A 40 8.08 -22.14 -11.12
N LEU A 41 8.27 -20.98 -11.75
CA LEU A 41 9.45 -20.76 -12.59
C LEU A 41 10.70 -20.80 -11.69
N ALA A 42 10.64 -20.12 -10.54
CA ALA A 42 11.78 -20.12 -9.67
C ALA A 42 12.14 -21.49 -9.12
N GLU A 43 11.14 -22.33 -8.80
CA GLU A 43 11.42 -23.69 -8.34
C GLU A 43 12.10 -24.51 -9.39
N HIS A 44 11.69 -24.38 -10.65
CA HIS A 44 12.27 -25.18 -11.71
C HIS A 44 13.68 -24.72 -11.99
N LEU A 45 13.91 -23.42 -12.03
CA LEU A 45 15.25 -22.90 -12.22
C LEU A 45 16.16 -23.26 -11.09
N ALA A 46 15.64 -23.38 -9.87
CA ALA A 46 16.50 -23.69 -8.70
C ALA A 46 17.22 -25.03 -8.82
N ALA A 47 16.65 -25.97 -9.58
CA ALA A 47 17.25 -27.30 -9.81
C ALA A 47 18.45 -27.28 -10.79
N GLN A 48 18.80 -26.13 -11.34
CA GLN A 48 19.88 -26.06 -12.34
C GLN A 48 21.07 -25.23 -11.90
N ARG A 49 22.25 -25.62 -12.36
CA ARG A 49 23.51 -25.13 -11.81
C ARG A 49 23.66 -23.61 -11.95
N ALA A 50 23.25 -23.10 -13.10
CA ALA A 50 23.37 -21.64 -13.34
C ALA A 50 22.59 -20.76 -12.31
N PHE A 51 21.56 -21.30 -11.67
CA PHE A 51 20.73 -20.47 -10.83
C PHE A 51 20.70 -20.89 -9.37
N ALA A 52 21.10 -22.12 -9.05
CA ALA A 52 20.98 -22.70 -7.70
C ALA A 52 21.60 -21.90 -6.56
N ASP A 53 22.77 -21.28 -6.81
CA ASP A 53 23.38 -20.36 -5.83
C ASP A 53 22.38 -19.28 -5.43
N GLU A 54 21.90 -18.49 -6.40
CA GLU A 54 21.02 -17.39 -6.11
C GLU A 54 19.62 -17.90 -5.60
N LEU A 55 19.11 -19.00 -6.16
CA LEU A 55 17.80 -19.51 -5.80
C LEU A 55 17.81 -20.63 -4.76
N THR A 56 18.28 -20.32 -3.56
CA THR A 56 17.98 -21.20 -2.42
C THR A 56 16.46 -21.26 -2.11
N PRO A 57 16.05 -22.25 -1.34
CA PRO A 57 14.62 -22.37 -1.05
C PRO A 57 14.06 -21.22 -0.23
N GLU A 58 14.90 -20.64 0.62
CA GLU A 58 14.54 -19.39 1.24
C GLU A 58 14.39 -18.24 0.21
N ALA A 59 15.35 -18.09 -0.68
CA ALA A 59 15.27 -17.03 -1.68
C ALA A 59 13.98 -17.21 -2.55
N VAL A 60 13.67 -18.42 -2.93
CA VAL A 60 12.53 -18.65 -3.80
C VAL A 60 11.27 -18.12 -3.11
N ASP A 61 11.12 -18.44 -1.86
CA ASP A 61 9.99 -17.96 -1.09
C ASP A 61 9.91 -16.45 -0.98
N LEU A 62 11.01 -15.78 -0.69
CA LEU A 62 10.97 -14.34 -0.57
C LEU A 62 10.72 -13.67 -1.88
N LEU A 63 11.37 -14.17 -2.90
CA LEU A 63 11.19 -13.68 -4.28
C LEU A 63 9.74 -13.72 -4.68
N SER A 64 9.11 -14.84 -4.47
CA SER A 64 7.71 -15.00 -4.86
C SER A 64 6.78 -14.09 -4.14
N LYS A 65 6.98 -13.96 -2.83
CA LYS A 65 6.12 -13.03 -2.08
C LYS A 65 6.39 -11.57 -2.45
N SER A 66 7.63 -11.24 -2.79
CA SER A 66 7.86 -9.85 -3.11
C SER A 66 7.30 -9.45 -4.47
N ALA A 67 7.05 -10.42 -5.33
CA ALA A 67 6.50 -10.12 -6.67
C ALA A 67 5.16 -9.44 -6.62
N LEU A 68 4.44 -9.60 -5.52
CA LEU A 68 3.17 -8.92 -5.33
C LEU A 68 3.24 -7.38 -5.41
N LEU A 69 4.39 -6.82 -5.10
CA LEU A 69 4.53 -5.36 -5.07
C LEU A 69 4.98 -4.73 -6.41
N HIS A 70 5.02 -5.51 -7.48
CA HIS A 70 5.66 -5.05 -8.73
C HIS A 70 5.09 -3.73 -9.16
N ASP A 71 3.80 -3.52 -9.04
CA ASP A 71 3.12 -2.37 -9.66
C ASP A 71 2.60 -1.36 -8.62
N ILE A 72 3.11 -1.41 -7.41
CA ILE A 72 2.55 -0.45 -6.39
C ILE A 72 2.84 1.01 -6.70
N GLY A 73 3.84 1.27 -7.52
CA GLY A 73 4.12 2.57 -8.02
C GLY A 73 3.13 3.25 -8.96
N LYS A 74 2.07 2.56 -9.33
CA LYS A 74 1.11 3.15 -10.24
C LYS A 74 0.33 4.34 -9.72
N VAL A 75 0.33 4.54 -8.39
CA VAL A 75 -0.20 5.79 -7.85
C VAL A 75 0.52 7.01 -8.40
N ALA A 76 1.76 6.89 -8.87
CA ALA A 76 2.44 8.01 -9.55
C ALA A 76 1.95 8.27 -10.99
N VAL A 77 0.97 7.52 -11.44
CA VAL A 77 0.48 7.70 -12.79
C VAL A 77 -0.90 8.29 -12.68
N PRO A 78 -1.11 9.47 -13.29
CA PRO A 78 -2.44 10.12 -13.29
C PRO A 78 -3.51 9.35 -14.00
N ASP A 79 -4.73 9.53 -13.52
CA ASP A 79 -5.90 8.79 -14.02
C ASP A 79 -5.95 8.88 -15.55
N ARG A 80 -5.75 10.07 -16.09
CA ARG A 80 -5.94 10.31 -17.51
C ARG A 80 -5.00 9.46 -18.36
N VAL A 81 -3.79 9.21 -17.87
CA VAL A 81 -2.85 8.31 -18.55
C VAL A 81 -3.18 6.85 -18.31
N LEU A 82 -3.45 6.51 -17.07
CA LEU A 82 -3.59 5.12 -16.66
C LEU A 82 -4.84 4.51 -17.20
N LEU A 83 -5.88 5.33 -17.31
CA LEU A 83 -7.19 4.91 -17.83
C LEU A 83 -7.40 5.21 -19.33
N ASN A 84 -6.36 5.65 -20.03
CA ASN A 84 -6.40 5.87 -21.48
C ASN A 84 -6.15 4.57 -22.23
N PRO A 85 -7.17 4.04 -22.94
CA PRO A 85 -6.95 2.75 -23.61
C PRO A 85 -6.10 2.86 -24.91
N GLY A 86 -5.98 4.07 -25.47
CA GLY A 86 -5.35 4.30 -26.77
C GLY A 86 -3.85 4.46 -26.67
N GLN A 87 -3.28 5.13 -27.64
CA GLN A 87 -1.85 5.31 -27.72
C GLN A 87 -1.51 6.61 -27.03
N LEU A 88 -0.33 6.64 -26.46
CA LEU A 88 0.03 7.68 -25.59
C LEU A 88 1.06 8.52 -26.32
N ASP A 89 0.97 9.84 -26.25
CA ASP A 89 2.10 10.67 -26.62
C ASP A 89 3.30 10.43 -25.70
N ALA A 90 4.46 10.98 -26.01
CA ALA A 90 5.72 10.48 -25.47
C ALA A 90 5.87 10.87 -24.01
N ALA A 91 5.24 11.98 -23.64
CA ALA A 91 5.34 12.50 -22.30
C ALA A 91 4.40 11.75 -21.34
N ASP A 92 3.28 11.25 -21.86
CA ASP A 92 2.38 10.39 -21.13
C ASP A 92 2.97 8.97 -20.97
N THR A 93 3.63 8.45 -22.01
CA THR A 93 4.32 7.18 -21.91
C THR A 93 5.38 7.27 -20.81
N ALA A 94 6.11 8.36 -20.76
CA ALA A 94 7.03 8.61 -19.67
C ALA A 94 6.35 8.59 -18.27
N LEU A 95 5.15 9.12 -18.16
CA LEU A 95 4.44 9.07 -16.89
C LEU A 95 4.03 7.63 -16.51
N LEU A 96 3.52 6.88 -17.48
CA LEU A 96 3.19 5.48 -17.27
C LEU A 96 4.40 4.62 -16.85
N GLN A 97 5.52 4.81 -17.53
CA GLN A 97 6.77 4.16 -17.19
C GLN A 97 7.31 4.48 -15.79
N GLY A 98 6.97 5.67 -15.30
CA GLY A 98 7.48 6.09 -14.02
C GLY A 98 6.88 5.25 -12.85
N HIS A 99 5.86 4.41 -13.10
CA HIS A 99 5.45 3.46 -12.04
C HIS A 99 6.61 2.66 -11.45
N THR A 100 7.64 2.40 -12.24
CA THR A 100 8.75 1.56 -11.84
C THR A 100 9.60 2.36 -10.85
N ARG A 101 9.94 3.60 -11.21
CA ARG A 101 10.76 4.46 -10.35
C ARG A 101 10.07 4.77 -9.04
N ALA A 102 8.78 4.98 -9.06
CA ALA A 102 8.10 5.35 -7.86
C ALA A 102 8.06 4.14 -6.89
N GLY A 103 7.93 2.93 -7.41
CA GLY A 103 7.85 1.75 -6.56
C GLY A 103 9.23 1.55 -5.98
N ARG A 104 10.25 1.75 -6.82
CA ARG A 104 11.63 1.55 -6.42
C ARG A 104 12.03 2.47 -5.25
N ASP A 105 11.72 3.74 -5.37
CA ASP A 105 12.00 4.74 -4.36
C ASP A 105 11.34 4.41 -3.03
N ALA A 106 10.08 4.03 -3.04
CA ALA A 106 9.41 3.73 -1.80
C ALA A 106 10.03 2.52 -1.12
N LEU A 107 10.37 1.49 -1.88
CA LEU A 107 10.91 0.32 -1.29
C LEU A 107 12.36 0.51 -0.88
N ALA A 108 13.11 1.30 -1.62
CA ALA A 108 14.49 1.55 -1.19
C ALA A 108 14.48 2.34 0.13
N SER A 109 13.56 3.30 0.29
CA SER A 109 13.51 4.03 1.54
C SER A 109 13.13 3.09 2.67
N ALA A 110 12.29 2.11 2.42
CA ALA A 110 12.01 1.13 3.46
C ALA A 110 13.24 0.28 3.82
N GLU A 111 14.05 -0.04 2.84
CA GLU A 111 15.28 -0.81 3.09
C GLU A 111 16.27 -0.11 4.01
N ARG A 112 16.38 1.19 3.86
CA ARG A 112 17.41 1.96 4.58
C ARG A 112 17.04 2.04 6.07
N ARG A 113 15.82 1.65 6.41
CA ARG A 113 15.43 1.58 7.78
C ARG A 113 15.90 0.36 8.50
N LEU A 114 16.46 -0.63 7.85
CA LEU A 114 16.68 -1.89 8.55
C LEU A 114 18.15 -2.06 8.94
N GLY A 115 18.38 -2.53 10.16
CA GLY A 115 19.72 -2.91 10.61
C GLY A 115 20.24 -4.16 9.92
N GLN A 116 19.41 -5.21 9.86
CA GLN A 116 19.77 -6.45 9.19
C GLN A 116 19.08 -6.38 7.81
N PRO A 117 19.89 -6.30 6.76
CA PRO A 117 19.22 -6.19 5.49
C PRO A 117 18.20 -7.34 5.24
N SER A 118 17.19 -6.95 4.47
CA SER A 118 16.06 -7.79 4.09
C SER A 118 16.17 -8.27 2.62
N GLY A 119 16.26 -9.58 2.45
CA GLY A 119 16.07 -10.19 1.13
C GLY A 119 14.71 -9.86 0.51
N PHE A 120 13.66 -9.87 1.36
CA PHE A 120 12.35 -9.58 0.89
C PHE A 120 12.35 -8.24 0.21
N LEU A 121 12.84 -7.20 0.89
CA LEU A 121 12.71 -5.85 0.37
C LEU A 121 13.65 -5.64 -0.81
N ARG A 122 14.76 -6.35 -0.82
CA ARG A 122 15.70 -6.20 -1.89
C ARG A 122 15.06 -6.78 -3.19
N PHE A 123 14.51 -7.98 -3.12
CA PHE A 123 13.79 -8.56 -4.27
C PHE A 123 12.66 -7.65 -4.66
N ALA A 124 11.90 -7.15 -3.70
CA ALA A 124 10.74 -6.33 -4.05
C ALA A 124 11.16 -5.11 -4.80
N ARG A 125 12.25 -4.50 -4.37
CA ARG A 125 12.74 -3.30 -4.99
C ARG A 125 13.31 -3.53 -6.39
N GLN A 126 14.07 -4.59 -6.56
CA GLN A 126 14.56 -4.98 -7.88
C GLN A 126 13.39 -5.23 -8.86
N ILE A 127 12.38 -5.94 -8.39
CA ILE A 127 11.23 -6.24 -9.22
C ILE A 127 10.49 -4.98 -9.57
N ALA A 128 10.20 -4.15 -8.61
CA ALA A 128 9.37 -3.01 -8.96
C ALA A 128 10.05 -2.15 -10.01
N TYR A 129 11.36 -2.05 -9.93
CA TYR A 129 12.10 -1.15 -10.82
C TYR A 129 12.27 -1.72 -12.18
N SER A 130 12.53 -3.03 -12.26
CA SER A 130 13.12 -3.63 -13.42
C SER A 130 12.21 -4.61 -14.09
N HIS A 131 10.96 -4.76 -13.61
CA HIS A 131 10.04 -5.74 -14.17
C HIS A 131 9.58 -5.49 -15.66
N HIS A 132 9.86 -4.32 -16.22
CA HIS A 132 9.56 -4.04 -17.61
C HIS A 132 10.89 -3.87 -18.38
N GLU A 133 12.03 -4.24 -17.81
CA GLU A 133 13.25 -4.36 -18.62
C GLU A 133 13.18 -5.60 -19.55
N ARG A 134 13.92 -5.56 -20.65
CA ARG A 134 13.83 -6.59 -21.71
C ARG A 134 15.20 -7.15 -21.87
N TRP A 135 15.28 -8.45 -22.07
CA TRP A 135 16.56 -9.05 -22.28
C TRP A 135 17.46 -8.31 -23.33
N ASP A 136 16.88 -7.74 -24.39
CA ASP A 136 17.62 -7.13 -25.46
C ASP A 136 17.99 -5.71 -25.18
N GLY A 137 17.66 -5.18 -24.00
CA GLY A 137 18.03 -3.81 -23.62
C GLY A 137 17.05 -2.77 -24.09
N ARG A 138 15.95 -3.16 -24.68
CA ARG A 138 15.06 -2.12 -25.17
C ARG A 138 13.87 -1.81 -24.28
N GLY A 139 13.86 -2.25 -23.03
CA GLY A 139 12.73 -1.95 -22.14
C GLY A 139 12.99 -0.66 -21.40
N PHE A 140 12.32 -0.51 -20.28
CA PHE A 140 12.42 0.67 -19.48
C PHE A 140 12.43 0.27 -18.00
N PRO A 141 12.90 1.18 -17.12
CA PRO A 141 13.28 2.59 -17.43
C PRO A 141 14.80 2.85 -17.72
N GLU A 142 15.65 1.82 -17.62
CA GLU A 142 17.07 2.03 -17.82
C GLU A 142 17.63 1.39 -19.03
N GLY A 143 16.86 0.50 -19.68
CA GLY A 143 17.41 -0.22 -20.81
C GLY A 143 18.50 -1.19 -20.38
N LEU A 144 18.40 -1.77 -19.21
CA LEU A 144 19.31 -2.87 -18.87
C LEU A 144 19.12 -4.06 -19.79
N ALA A 145 20.18 -4.84 -19.97
CA ALA A 145 20.21 -5.91 -20.92
C ALA A 145 20.90 -7.17 -20.36
N GLY A 146 20.53 -8.34 -20.86
CA GLY A 146 21.19 -9.58 -20.46
C GLY A 146 21.15 -9.74 -18.95
N GLU A 147 22.21 -10.32 -18.42
CA GLU A 147 22.34 -10.61 -16.98
C GLU A 147 22.56 -9.38 -16.16
N ARG A 148 22.59 -8.21 -16.75
CA ARG A 148 22.54 -6.99 -15.91
C ARG A 148 21.12 -6.76 -15.34
N ILE A 149 20.09 -7.40 -15.89
CA ILE A 149 18.74 -7.30 -15.27
C ILE A 149 18.79 -8.25 -14.11
N PRO A 150 18.37 -7.79 -12.93
CA PRO A 150 18.33 -8.80 -11.82
C PRO A 150 17.43 -10.02 -12.10
N LEU A 151 17.87 -11.18 -11.66
CA LEU A 151 17.18 -12.40 -11.94
C LEU A 151 15.70 -12.28 -11.58
N ALA A 152 15.38 -11.67 -10.43
CA ALA A 152 14.03 -11.67 -9.96
C ALA A 152 13.13 -10.91 -10.96
N ALA A 153 13.68 -9.86 -11.54
CA ALA A 153 12.92 -9.05 -12.50
C ALA A 153 12.74 -9.76 -13.83
N ARG A 154 13.66 -10.63 -14.16
CA ARG A 154 13.56 -11.40 -15.39
C ARG A 154 12.47 -12.47 -15.30
N ILE A 155 12.36 -13.07 -14.12
CA ILE A 155 11.30 -14.06 -13.81
C ILE A 155 9.97 -13.35 -13.82
N VAL A 156 9.88 -12.21 -13.14
CA VAL A 156 8.62 -11.53 -13.08
C VAL A 156 8.15 -11.02 -14.43
N ALA A 157 9.04 -10.49 -15.24
CA ALA A 157 8.65 -10.06 -16.60
C ALA A 157 7.93 -11.12 -17.41
N LEU A 158 8.40 -12.33 -17.33
CA LEU A 158 7.77 -13.43 -18.03
C LEU A 158 6.41 -13.81 -17.40
N ALA A 159 6.35 -13.95 -16.08
CA ALA A 159 5.12 -14.21 -15.37
C ALA A 159 4.08 -13.18 -15.65
N ASP A 160 4.51 -11.94 -15.73
CA ASP A 160 3.58 -10.81 -15.91
C ASP A 160 3.00 -10.81 -17.32
N ARG A 161 3.83 -11.15 -18.32
CA ARG A 161 3.36 -11.22 -19.67
C ARG A 161 2.39 -12.41 -19.83
N TYR A 162 2.74 -13.55 -19.31
CA TYR A 162 1.79 -14.66 -19.36
C TYR A 162 0.46 -14.35 -18.75
N ASP A 163 0.48 -13.73 -17.60
CA ASP A 163 -0.74 -13.35 -16.95
C ASP A 163 -1.58 -12.34 -17.73
N GLU A 164 -0.92 -11.34 -18.32
CA GLU A 164 -1.63 -10.36 -19.09
C GLU A 164 -2.27 -11.04 -20.34
N LEU A 165 -1.57 -11.94 -21.01
CA LEU A 165 -2.15 -12.59 -22.15
C LEU A 165 -3.35 -13.47 -21.79
N THR A 166 -3.35 -14.12 -20.63
CA THR A 166 -4.37 -15.12 -20.31
C THR A 166 -5.44 -14.56 -19.38
N SER A 167 -5.56 -13.25 -19.29
CA SER A 167 -6.65 -12.64 -18.57
C SER A 167 -7.38 -11.57 -19.42
N ARG A 168 -8.54 -11.14 -18.93
CA ARG A 168 -9.45 -10.19 -19.60
C ARG A 168 -8.82 -8.82 -19.77
N HIS A 169 -9.15 -8.15 -20.87
CA HIS A 169 -8.98 -6.66 -21.02
C HIS A 169 -10.17 -6.01 -21.75
N ALA A 170 -10.36 -4.69 -21.58
CA ALA A 170 -11.42 -3.98 -22.35
C ALA A 170 -11.38 -4.40 -23.85
N TYR A 171 -10.20 -4.41 -24.46
CA TYR A 171 -10.17 -4.77 -25.92
C TYR A 171 -10.40 -6.27 -26.24
N ARG A 172 -10.11 -7.21 -25.32
CA ARG A 172 -10.33 -8.65 -25.63
C ARG A 172 -10.55 -9.60 -24.47
N PRO A 173 -11.11 -10.78 -24.78
CA PRO A 173 -11.00 -11.89 -23.81
C PRO A 173 -9.57 -12.48 -23.67
N PRO A 174 -9.35 -13.28 -22.63
CA PRO A 174 -8.06 -13.97 -22.57
C PRO A 174 -7.68 -14.77 -23.82
N LEU A 175 -6.38 -14.80 -24.17
CA LEU A 175 -5.89 -15.72 -25.14
C LEU A 175 -5.89 -17.09 -24.53
N ALA A 176 -6.16 -18.07 -25.35
CA ALA A 176 -5.99 -19.47 -24.98
C ALA A 176 -4.54 -19.79 -24.63
N HIS A 177 -4.38 -20.74 -23.72
CA HIS A 177 -3.10 -21.15 -23.21
C HIS A 177 -2.11 -21.43 -24.34
N ALA A 178 -2.49 -22.26 -25.29
CA ALA A 178 -1.52 -22.72 -26.30
C ALA A 178 -0.95 -21.54 -27.10
N GLU A 179 -1.79 -20.54 -27.36
CA GLU A 179 -1.36 -19.37 -28.08
C GLU A 179 -0.50 -18.45 -27.26
N ALA A 180 -0.79 -18.31 -25.97
CA ALA A 180 0.07 -17.60 -25.10
C ALA A 180 1.42 -18.22 -25.04
N VAL A 181 1.48 -19.53 -25.00
CA VAL A 181 2.75 -20.18 -24.97
C VAL A 181 3.58 -19.79 -26.21
N LEU A 182 2.97 -19.81 -27.39
CA LEU A 182 3.74 -19.51 -28.62
C LEU A 182 4.19 -18.09 -28.63
N LEU A 183 3.38 -17.23 -28.03
CA LEU A 183 3.74 -15.85 -27.95
C LEU A 183 4.94 -15.54 -26.97
N ILE A 184 4.96 -16.18 -25.82
CA ILE A 184 6.08 -16.13 -24.94
C ILE A 184 7.35 -16.73 -25.55
N GLN A 185 7.22 -17.89 -26.18
CA GLN A 185 8.33 -18.46 -26.94
C GLN A 185 8.87 -17.49 -27.95
N ALA A 186 8.00 -16.78 -28.64
CA ALA A 186 8.47 -15.83 -29.64
C ALA A 186 9.32 -14.74 -29.04
N GLY A 187 9.23 -14.50 -27.74
CA GLY A 187 10.00 -13.41 -27.17
C GLY A 187 11.38 -13.87 -26.62
N ALA A 188 11.72 -15.16 -26.76
CA ALA A 188 13.02 -15.64 -26.26
C ALA A 188 14.16 -14.83 -26.90
N GLY A 189 15.06 -14.24 -26.11
CA GLY A 189 16.20 -13.53 -26.72
C GLY A 189 15.91 -12.09 -27.07
N SER A 190 14.65 -11.65 -27.02
CA SER A 190 14.35 -10.26 -27.17
C SER A 190 13.71 -9.71 -25.92
N GLU A 191 12.47 -10.10 -25.64
CA GLU A 191 11.84 -9.73 -24.38
C GLU A 191 12.49 -10.44 -23.17
N PHE A 192 12.77 -11.72 -23.31
CA PHE A 192 12.97 -12.61 -22.15
C PHE A 192 14.32 -13.33 -22.28
N ASP A 193 14.90 -13.66 -21.12
CA ASP A 193 16.06 -14.56 -21.01
C ASP A 193 15.69 -15.91 -21.61
N PRO A 194 16.43 -16.36 -22.63
CA PRO A 194 16.02 -17.63 -23.27
C PRO A 194 15.98 -18.80 -22.33
N ARG A 195 16.77 -18.78 -21.29
CA ARG A 195 16.70 -19.85 -20.30
C ARG A 195 15.41 -19.79 -19.45
N LEU A 196 14.85 -18.62 -19.27
CA LEU A 196 13.60 -18.59 -18.55
C LEU A 196 12.50 -19.09 -19.47
N VAL A 197 12.61 -18.80 -20.76
CA VAL A 197 11.62 -19.32 -21.71
C VAL A 197 11.61 -20.81 -21.72
N GLU A 198 12.81 -21.40 -21.73
CA GLU A 198 12.98 -22.87 -21.60
C GLU A 198 12.34 -23.41 -20.29
N ALA A 199 12.56 -22.76 -19.15
CA ALA A 199 11.94 -23.16 -17.93
C ALA A 199 10.41 -23.05 -18.05
N PHE A 200 9.92 -21.92 -18.56
CA PHE A 200 8.50 -21.73 -18.77
C PHE A 200 7.89 -22.87 -19.60
N VAL A 201 8.54 -23.24 -20.69
CA VAL A 201 7.98 -24.30 -21.55
C VAL A 201 7.89 -25.60 -20.79
N ALA A 202 8.84 -25.88 -19.90
CA ALA A 202 8.79 -27.12 -19.11
C ALA A 202 7.71 -27.08 -18.02
N VAL A 203 7.39 -25.90 -17.48
CA VAL A 203 6.30 -25.78 -16.53
C VAL A 203 4.92 -25.26 -17.06
N ALA A 204 4.74 -25.21 -18.35
CA ALA A 204 3.62 -24.49 -18.94
C ALA A 204 2.32 -25.16 -18.59
N ASP A 205 2.30 -26.46 -18.47
CA ASP A 205 1.07 -27.07 -18.11
C ASP A 205 0.67 -26.68 -16.70
N ALA A 206 1.63 -26.54 -15.80
CA ALA A 206 1.31 -26.09 -14.46
C ALA A 206 0.80 -24.64 -14.50
N PHE A 207 1.36 -23.81 -15.39
CA PHE A 207 0.85 -22.43 -15.55
C PHE A 207 -0.65 -22.47 -15.97
N ALA A 208 -0.99 -23.33 -16.93
CA ALA A 208 -2.41 -23.46 -17.37
C ALA A 208 -3.35 -23.83 -16.24
N GLU A 209 -2.87 -24.71 -15.36
CA GLU A 209 -3.66 -25.08 -14.16
C GLU A 209 -3.89 -23.90 -13.21
N VAL A 210 -2.86 -23.13 -12.96
CA VAL A 210 -3.03 -21.96 -12.08
C VAL A 210 -4.00 -20.98 -12.76
N ALA A 211 -3.84 -20.77 -14.07
CA ALA A 211 -4.68 -19.77 -14.75
C ALA A 211 -6.16 -20.16 -14.64
N ARG A 212 -6.44 -21.45 -14.68
CA ARG A 212 -7.85 -21.94 -14.60
C ARG A 212 -8.35 -21.85 -13.16
N ARG A 213 -7.57 -22.31 -12.24
CA ARG A 213 -8.01 -22.37 -10.85
C ARG A 213 -8.15 -20.97 -10.21
N TYR A 214 -7.29 -20.02 -10.61
CA TYR A 214 -7.32 -18.69 -10.05
C TYR A 214 -7.89 -17.74 -11.04
N ALA A 215 -8.66 -18.24 -11.98
CA ALA A 215 -9.40 -17.38 -12.89
C ALA A 215 -10.20 -16.28 -12.16
N ASP A 216 -10.32 -15.12 -12.82
CA ASP A 216 -11.17 -14.02 -12.39
C ASP A 216 -12.63 -14.48 -12.31
N SER A 217 -13.36 -14.00 -11.30
CA SER A 217 -14.83 -14.12 -11.28
C SER A 217 -15.48 -13.50 -12.50
N ALA A 218 -16.65 -13.98 -12.89
CA ALA A 218 -17.39 -13.37 -14.04
C ALA A 218 -18.40 -12.29 -13.58
N ARG B 1 15.04 -11.90 16.54
CA ARG B 1 14.38 -12.62 15.39
C ARG B 1 13.02 -12.08 15.12
N THR B 2 12.28 -11.91 16.21
CA THR B 2 10.98 -11.28 16.16
C THR B 2 11.10 -9.78 15.88
N ARG B 3 12.17 -9.16 16.36
CA ARG B 3 12.45 -7.79 15.98
C ARG B 3 12.61 -7.64 14.48
N GLN B 4 13.40 -8.50 13.85
CA GLN B 4 13.65 -8.42 12.44
C GLN B 4 12.29 -8.30 11.75
N LEU B 5 11.34 -9.16 12.05
CA LEU B 5 10.01 -9.09 11.43
C LEU B 5 9.19 -7.89 11.80
N GLN B 6 9.37 -7.35 12.99
CA GLN B 6 8.56 -6.23 13.41
C GLN B 6 9.12 -4.99 12.73
N GLN B 7 10.41 -4.91 12.59
CA GLN B 7 11.01 -3.79 11.89
C GLN B 7 10.69 -3.84 10.40
N LEU B 8 10.69 -5.01 9.82
CA LEU B 8 10.29 -5.16 8.44
C LEU B 8 8.83 -4.69 8.27
N GLN B 9 7.89 -5.19 9.08
CA GLN B 9 6.49 -4.73 8.97
C GLN B 9 6.38 -3.20 9.05
N ASP B 10 7.07 -2.58 10.03
CA ASP B 10 7.00 -1.14 10.16
C ASP B 10 7.51 -0.46 8.94
N ALA B 11 8.60 -0.95 8.38
CA ALA B 11 9.15 -0.31 7.18
C ALA B 11 8.22 -0.40 5.95
N VAL B 12 7.62 -1.58 5.78
CA VAL B 12 6.75 -1.78 4.67
C VAL B 12 5.46 -1.00 4.81
N ILE B 13 4.88 -1.02 5.97
CA ILE B 13 3.68 -0.23 6.16
C ILE B 13 3.89 1.24 5.94
N GLU B 14 4.99 1.77 6.43
CA GLU B 14 5.25 3.17 6.22
C GLU B 14 5.44 3.44 4.74
N ALA B 15 6.18 2.60 4.03
CA ALA B 15 6.35 2.82 2.58
C ALA B 15 5.02 2.81 1.82
N LEU B 16 4.14 1.90 2.15
CA LEU B 16 2.88 1.81 1.40
C LEU B 16 1.91 2.88 1.79
N ALA B 17 1.90 3.24 3.05
CA ALA B 17 1.06 4.36 3.46
C ALA B 17 1.48 5.64 2.76
N THR B 18 2.77 5.83 2.63
CA THR B 18 3.37 7.00 1.94
C THR B 18 3.08 7.10 0.47
N LEU B 19 3.19 5.96 -0.23
CA LEU B 19 2.65 5.85 -1.57
C LEU B 19 1.17 6.13 -1.66
N GLY B 20 0.41 5.75 -0.66
CA GLY B 20 -1.01 6.16 -0.64
C GLY B 20 -1.31 7.66 -0.50
N ASP B 21 -0.32 8.44 -0.15
CA ASP B 21 -0.50 9.89 -0.03
C ASP B 21 0.02 10.62 -1.24
N LEU B 22 0.67 9.88 -2.14
CA LEU B 22 1.40 10.52 -3.17
C LEU B 22 0.49 11.34 -4.07
N ARG B 23 -0.73 10.88 -4.28
CA ARG B 23 -1.58 11.57 -5.24
C ARG B 23 -2.11 12.90 -4.75
N ASP B 24 -2.45 12.99 -3.46
CA ASP B 24 -3.02 14.26 -2.95
C ASP B 24 -2.21 14.97 -1.88
N ASN B 25 -1.10 14.40 -1.46
CA ASN B 25 -0.34 14.98 -0.36
C ASN B 25 1.13 14.59 -0.47
N PRO B 26 1.75 14.86 -1.64
CA PRO B 26 3.14 14.43 -1.85
C PRO B 26 4.07 15.30 -1.04
N ARG B 27 5.25 14.79 -0.70
CA ARG B 27 6.34 15.59 -0.06
C ARG B 27 5.91 16.11 1.32
N SER B 28 5.41 15.21 2.16
CA SER B 28 4.72 15.60 3.37
C SER B 28 5.23 14.75 4.47
N ARG B 29 5.31 15.33 5.67
CA ARG B 29 5.53 14.50 6.84
C ARG B 29 4.29 14.23 7.68
N HIS B 30 3.11 14.34 7.07
CA HIS B 30 1.81 14.00 7.72
C HIS B 30 1.89 12.72 8.52
N LEU B 31 2.53 11.69 7.97
CA LEU B 31 2.39 10.37 8.59
C LEU B 31 3.20 10.18 9.86
N PRO B 32 4.46 10.58 9.84
CA PRO B 32 5.11 10.53 11.13
C PRO B 32 4.56 11.49 12.17
N ARG B 33 4.05 12.66 11.79
CA ARG B 33 3.38 13.51 12.74
C ARG B 33 2.12 12.85 13.34
N ILE B 34 1.27 12.34 12.47
CA ILE B 34 0.06 11.76 12.91
C ILE B 34 0.30 10.59 13.89
N GLU B 35 1.30 9.79 13.59
CA GLU B 35 1.59 8.67 14.43
C GLU B 35 1.97 9.12 15.83
N ARG B 36 2.75 10.17 15.91
CA ARG B 36 3.15 10.68 17.17
C ARG B 36 2.02 11.38 17.84
N TYR B 37 1.21 12.15 17.12
CA TYR B 37 0.03 12.80 17.82
C TYR B 37 -0.89 11.70 18.39
N VAL B 38 -1.10 10.63 17.65
CA VAL B 38 -1.93 9.50 18.21
C VAL B 38 -1.32 8.90 19.45
N ARG B 39 0.00 8.65 19.40
CA ARG B 39 0.68 7.96 20.49
C ARG B 39 0.65 8.82 21.72
N LEU B 40 0.82 10.11 21.55
CA LEU B 40 0.79 11.02 22.68
C LEU B 40 -0.56 11.02 23.42
N LEU B 41 -1.61 11.11 22.64
CA LEU B 41 -2.91 11.10 23.21
C LEU B 41 -3.19 9.79 23.86
N ALA B 42 -2.90 8.71 23.15
CA ALA B 42 -3.20 7.40 23.67
C ALA B 42 -2.43 7.12 24.95
N GLU B 43 -1.17 7.53 25.05
CA GLU B 43 -0.31 7.30 26.25
C GLU B 43 -0.89 8.05 27.45
N HIS B 44 -1.37 9.25 27.23
CA HIS B 44 -1.97 9.98 28.33
C HIS B 44 -3.28 9.31 28.75
N LEU B 45 -4.13 8.94 27.80
CA LEU B 45 -5.39 8.28 28.15
C LEU B 45 -5.20 6.97 28.87
N ALA B 46 -4.11 6.27 28.57
CA ALA B 46 -3.87 4.99 29.17
C ALA B 46 -3.67 5.07 30.68
N ALA B 47 -3.27 6.24 31.18
CA ALA B 47 -3.14 6.47 32.62
C ALA B 47 -4.50 6.36 33.29
N GLN B 48 -5.52 6.91 32.63
CA GLN B 48 -6.87 6.93 33.17
C GLN B 48 -7.46 5.52 33.31
N ARG B 49 -8.21 5.32 34.39
CA ARG B 49 -8.86 4.04 34.65
C ARG B 49 -9.90 3.70 33.58
N ALA B 50 -10.63 4.71 33.13
CA ALA B 50 -11.71 4.50 32.18
C ALA B 50 -11.25 3.91 30.86
N PHE B 51 -10.11 4.39 30.35
CA PHE B 51 -9.58 3.87 29.12
C PHE B 51 -8.53 2.78 29.28
N ALA B 52 -7.97 2.62 30.48
CA ALA B 52 -6.86 1.66 30.75
C ALA B 52 -7.10 0.18 30.34
N ASP B 53 -8.31 -0.32 30.53
CA ASP B 53 -8.68 -1.64 29.98
C ASP B 53 -8.37 -1.71 28.49
N GLU B 54 -9.03 -0.89 27.67
CA GLU B 54 -8.84 -0.94 26.22
C GLU B 54 -7.40 -0.51 25.82
N LEU B 55 -6.82 0.50 26.47
CA LEU B 55 -5.48 0.97 26.12
C LEU B 55 -4.33 0.38 26.99
N THR B 56 -4.12 -0.91 26.91
CA THR B 56 -2.89 -1.52 27.39
C THR B 56 -1.69 -1.01 26.57
N PRO B 57 -0.47 -1.23 27.10
CA PRO B 57 0.68 -0.64 26.40
C PRO B 57 0.93 -1.32 25.04
N GLU B 58 0.54 -2.57 24.93
CA GLU B 58 0.53 -3.22 23.64
C GLU B 58 -0.51 -2.59 22.69
N ALA B 59 -1.72 -2.37 23.18
CA ALA B 59 -2.75 -1.74 22.34
C ALA B 59 -2.28 -0.34 21.88
N VAL B 60 -1.65 0.43 22.75
CA VAL B 60 -1.21 1.76 22.39
C VAL B 60 -0.29 1.70 21.19
N ASP B 61 0.66 0.76 21.25
CA ASP B 61 1.57 0.57 20.17
C ASP B 61 0.93 0.13 18.87
N LEU B 62 0.00 -0.81 18.93
CA LEU B 62 -0.66 -1.21 17.68
C LEU B 62 -1.54 -0.08 17.11
N LEU B 63 -2.27 0.60 17.98
CA LEU B 63 -3.14 1.68 17.61
C LEU B 63 -2.36 2.75 16.86
N SER B 64 -1.24 3.13 17.43
CA SER B 64 -0.46 4.16 16.79
C SER B 64 0.04 3.77 15.44
N LYS B 65 0.54 2.56 15.35
CA LYS B 65 1.08 2.14 14.02
C LYS B 65 -0.04 1.99 13.01
N SER B 66 -1.21 1.57 13.45
CA SER B 66 -2.27 1.38 12.49
C SER B 66 -2.82 2.71 11.98
N ALA B 67 -2.63 3.76 12.74
CA ALA B 67 -3.13 5.08 12.32
C ALA B 67 -2.53 5.56 11.03
N LEU B 68 -1.36 5.04 10.68
CA LEU B 68 -0.74 5.38 9.39
C LEU B 68 -1.60 5.06 8.15
N LEU B 69 -2.47 4.07 8.27
CA LEU B 69 -3.29 3.63 7.15
C LEU B 69 -4.60 4.35 7.01
N HIS B 70 -4.84 5.41 7.78
CA HIS B 70 -6.19 6.06 7.80
C HIS B 70 -6.73 6.42 6.45
N ASP B 71 -5.90 6.92 5.55
CA ASP B 71 -6.37 7.44 4.28
C ASP B 71 -5.94 6.53 3.11
N ILE B 72 -5.60 5.31 3.37
CA ILE B 72 -5.12 4.41 2.30
C ILE B 72 -6.16 4.24 1.21
N GLY B 73 -7.44 4.37 1.56
CA GLY B 73 -8.54 4.29 0.66
C GLY B 73 -8.64 5.34 -0.44
N LYS B 74 -7.77 6.33 -0.45
CA LYS B 74 -7.94 7.41 -1.39
C LYS B 74 -7.70 7.04 -2.81
N VAL B 75 -7.10 5.88 -3.03
CA VAL B 75 -7.07 5.34 -4.39
C VAL B 75 -8.44 5.08 -5.01
N ALA B 76 -9.47 4.90 -4.21
CA ALA B 76 -10.88 4.86 -4.76
C ALA B 76 -11.44 6.23 -5.18
N VAL B 77 -10.67 7.30 -5.03
CA VAL B 77 -11.14 8.61 -5.37
C VAL B 77 -10.42 9.03 -6.64
N PRO B 78 -11.18 9.31 -7.71
CA PRO B 78 -10.61 9.81 -8.96
C PRO B 78 -9.87 11.15 -8.87
N ASP B 79 -8.89 11.32 -9.75
CA ASP B 79 -8.01 12.47 -9.73
C ASP B 79 -8.85 13.75 -9.76
N ARG B 80 -9.89 13.76 -10.59
CA ARG B 80 -10.66 14.97 -10.83
C ARG B 80 -11.36 15.44 -9.55
N VAL B 81 -11.73 14.50 -8.66
CA VAL B 81 -12.27 14.88 -7.36
C VAL B 81 -11.21 15.26 -6.33
N LEU B 82 -10.18 14.46 -6.28
CA LEU B 82 -9.20 14.52 -5.24
C LEU B 82 -8.34 15.73 -5.39
N LEU B 83 -8.11 16.13 -6.65
CA LEU B 83 -7.31 17.31 -6.99
C LEU B 83 -8.13 18.60 -7.22
N ASN B 84 -9.44 18.55 -6.97
CA ASN B 84 -10.31 19.74 -7.12
C ASN B 84 -10.25 20.65 -5.89
N PRO B 85 -9.73 21.89 -6.04
CA PRO B 85 -9.60 22.75 -4.85
C PRO B 85 -10.92 23.43 -4.41
N GLY B 86 -11.93 23.48 -5.30
CA GLY B 86 -13.19 24.18 -5.02
C GLY B 86 -14.21 23.37 -4.22
N GLN B 87 -15.48 23.79 -4.26
CA GLN B 87 -16.54 23.05 -3.60
C GLN B 87 -16.97 21.96 -4.57
N LEU B 88 -17.46 20.87 -4.02
CA LEU B 88 -17.72 19.66 -4.76
C LEU B 88 -19.24 19.52 -4.82
N ASP B 89 -19.77 19.17 -5.97
CA ASP B 89 -21.17 18.77 -6.01
C ASP B 89 -21.38 17.52 -5.16
N ALA B 90 -22.62 17.13 -4.94
CA ALA B 90 -22.90 16.16 -3.88
C ALA B 90 -22.42 14.74 -4.22
N ALA B 91 -22.36 14.43 -5.50
CA ALA B 91 -21.97 13.10 -5.96
C ALA B 91 -20.44 12.93 -5.92
N ASP B 92 -19.71 14.02 -6.13
CA ASP B 92 -18.27 14.06 -5.98
C ASP B 92 -17.87 14.01 -4.50
N THR B 93 -18.63 14.69 -3.67
CA THR B 93 -18.45 14.64 -2.25
C THR B 93 -18.61 13.21 -1.76
N ALA B 94 -19.60 12.51 -2.27
CA ALA B 94 -19.77 11.10 -1.96
C ALA B 94 -18.59 10.24 -2.39
N LEU B 95 -18.00 10.51 -3.55
CA LEU B 95 -16.78 9.81 -3.97
C LEU B 95 -15.56 10.10 -3.07
N LEU B 96 -15.34 11.36 -2.69
CA LEU B 96 -14.32 11.71 -1.71
C LEU B 96 -14.50 11.00 -0.35
N GLN B 97 -15.73 10.98 0.14
CA GLN B 97 -16.05 10.29 1.39
C GLN B 97 -15.83 8.79 1.37
N GLY B 98 -15.94 8.21 0.19
CA GLY B 98 -15.83 6.79 0.03
C GLY B 98 -14.40 6.32 0.22
N HIS B 99 -13.42 7.21 0.42
CA HIS B 99 -12.09 6.78 0.89
C HIS B 99 -12.17 5.93 2.17
N THR B 100 -13.18 6.15 2.97
CA THR B 100 -13.27 5.51 4.25
C THR B 100 -13.73 4.10 4.00
N ARG B 101 -14.79 3.94 3.21
CA ARG B 101 -15.27 2.62 2.86
C ARG B 101 -14.22 1.78 2.16
N ALA B 102 -13.48 2.35 1.21
CA ALA B 102 -12.57 1.54 0.41
C ALA B 102 -11.39 1.11 1.31
N GLY B 103 -11.03 1.92 2.27
CA GLY B 103 -9.97 1.49 3.16
C GLY B 103 -10.47 0.39 4.08
N ARG B 104 -11.71 0.54 4.54
CA ARG B 104 -12.31 -0.46 5.39
C ARG B 104 -12.34 -1.83 4.75
N ASP B 105 -12.80 -1.88 3.54
CA ASP B 105 -12.97 -3.10 2.76
C ASP B 105 -11.65 -3.80 2.50
N ALA B 106 -10.61 -3.07 2.13
CA ALA B 106 -9.28 -3.68 1.99
C ALA B 106 -8.79 -4.27 3.28
N LEU B 107 -8.94 -3.57 4.40
CA LEU B 107 -8.44 -4.09 5.66
C LEU B 107 -9.32 -5.20 6.23
N ALA B 108 -10.62 -5.16 6.00
CA ALA B 108 -11.42 -6.30 6.41
C ALA B 108 -11.04 -7.52 5.59
N SER B 109 -10.79 -7.38 4.28
CA SER B 109 -10.46 -8.55 3.50
C SER B 109 -9.12 -9.12 3.98
N ALA B 110 -8.21 -8.30 4.46
CA ALA B 110 -7.06 -8.83 5.12
C ALA B 110 -7.31 -9.61 6.44
N GLU B 111 -8.26 -9.14 7.24
CA GLU B 111 -8.64 -9.83 8.47
C GLU B 111 -9.22 -11.21 8.09
N ARG B 112 -9.94 -11.30 6.97
CA ARG B 112 -10.50 -12.58 6.51
C ARG B 112 -9.42 -13.54 6.06
N ARG B 113 -8.41 -13.03 5.35
CA ARG B 113 -7.29 -13.84 4.90
C ARG B 113 -6.55 -14.43 6.06
N LEU B 114 -6.41 -13.64 7.11
CA LEU B 114 -5.54 -13.99 8.22
C LEU B 114 -6.30 -15.02 9.05
N GLY B 115 -7.62 -14.81 9.17
CA GLY B 115 -8.52 -15.68 9.90
C GLY B 115 -8.24 -15.90 11.37
N GLN B 116 -7.44 -15.04 11.98
CA GLN B 116 -7.28 -15.03 13.44
C GLN B 116 -7.28 -13.59 13.89
N PRO B 117 -7.72 -13.28 15.11
CA PRO B 117 -7.68 -11.87 15.65
C PRO B 117 -6.29 -11.13 15.62
N SER B 118 -6.29 -9.91 15.04
CA SER B 118 -5.10 -9.04 14.98
C SER B 118 -5.59 -7.68 15.48
N GLY B 119 -5.13 -7.27 16.63
CA GLY B 119 -5.38 -5.95 17.15
C GLY B 119 -4.95 -4.92 16.12
N PHE B 120 -3.83 -5.18 15.42
CA PHE B 120 -3.33 -4.23 14.45
C PHE B 120 -4.36 -4.03 13.38
N LEU B 121 -4.88 -5.11 12.79
CA LEU B 121 -5.75 -4.96 11.64
C LEU B 121 -7.11 -4.43 12.08
N ARG B 122 -7.50 -4.74 13.28
CA ARG B 122 -8.79 -4.32 13.76
C ARG B 122 -8.74 -2.79 14.00
N PHE B 123 -7.73 -2.29 14.70
CA PHE B 123 -7.56 -0.89 14.83
C PHE B 123 -7.48 -0.22 13.45
N ALA B 124 -6.70 -0.76 12.52
CA ALA B 124 -6.52 -0.09 11.27
C ALA B 124 -7.79 0.05 10.54
N ARG B 125 -8.58 -1.01 10.61
CA ARG B 125 -9.84 -1.01 9.94
C ARG B 125 -10.84 0.02 10.53
N GLN B 126 -10.96 0.05 11.83
CA GLN B 126 -11.81 0.99 12.52
C GLN B 126 -11.44 2.43 12.19
N ILE B 127 -10.14 2.70 12.17
CA ILE B 127 -9.65 4.05 11.86
C ILE B 127 -9.94 4.42 10.43
N ALA B 128 -9.62 3.52 9.51
CA ALA B 128 -9.85 3.93 8.12
C ALA B 128 -11.33 4.27 7.90
N TYR B 129 -12.22 3.52 8.52
CA TYR B 129 -13.65 3.65 8.23
C TYR B 129 -14.25 4.88 8.95
N SER B 130 -13.82 5.15 10.19
CA SER B 130 -14.53 6.04 11.10
C SER B 130 -13.78 7.29 11.44
N HIS B 131 -12.61 7.53 10.83
CA HIS B 131 -11.76 8.67 11.23
C HIS B 131 -12.37 10.03 10.90
N HIS B 132 -13.45 10.04 10.11
CA HIS B 132 -14.12 11.30 9.84
C HIS B 132 -15.53 11.33 10.52
N GLU B 133 -15.82 10.41 11.42
CA GLU B 133 -17.02 10.51 12.22
C GLU B 133 -16.83 11.59 13.27
N ARG B 134 -17.91 12.17 13.72
CA ARG B 134 -17.94 13.28 14.66
C ARG B 134 -18.68 12.87 15.93
N TRP B 135 -18.17 13.26 17.08
CA TRP B 135 -18.83 12.98 18.30
C TRP B 135 -20.37 13.31 18.27
N ASP B 136 -20.78 14.39 17.62
CA ASP B 136 -22.21 14.82 17.56
C ASP B 136 -23.00 14.13 16.44
N GLY B 137 -22.45 13.10 15.81
CA GLY B 137 -23.19 12.34 14.81
C GLY B 137 -23.29 13.00 13.46
N ARG B 138 -22.62 14.11 13.25
CA ARG B 138 -22.75 14.75 11.95
C ARG B 138 -21.68 14.38 10.90
N GLY B 139 -20.84 13.37 11.17
CA GLY B 139 -19.76 13.08 10.22
C GLY B 139 -20.17 12.03 9.24
N PHE B 140 -19.20 11.34 8.68
CA PHE B 140 -19.45 10.37 7.65
C PHE B 140 -18.47 9.22 7.85
N PRO B 141 -18.79 8.01 7.32
CA PRO B 141 -19.89 7.80 6.33
C PRO B 141 -21.22 7.32 6.96
N GLU B 142 -21.20 7.02 8.24
CA GLU B 142 -22.38 6.47 8.88
C GLU B 142 -23.14 7.41 9.80
N GLY B 143 -22.55 8.55 10.19
CA GLY B 143 -23.13 9.40 11.21
C GLY B 143 -23.16 8.77 12.57
N LEU B 144 -22.16 7.96 12.92
CA LEU B 144 -22.07 7.43 14.27
C LEU B 144 -21.91 8.60 15.25
N ALA B 145 -22.36 8.40 16.49
CA ALA B 145 -22.28 9.44 17.52
C ALA B 145 -21.80 8.91 18.84
N GLY B 146 -21.18 9.76 19.66
CA GLY B 146 -20.76 9.34 21.02
C GLY B 146 -19.85 8.12 21.06
N GLU B 147 -20.04 7.28 22.07
CA GLU B 147 -19.22 6.07 22.22
C GLU B 147 -19.54 5.00 21.19
N ARG B 148 -20.45 5.26 20.29
CA ARG B 148 -20.57 4.33 19.18
C ARG B 148 -19.44 4.48 18.14
N ILE B 149 -18.70 5.56 18.18
CA ILE B 149 -17.50 5.65 17.34
C ILE B 149 -16.39 4.88 18.05
N PRO B 150 -15.75 3.94 17.36
CA PRO B 150 -14.59 3.25 18.06
C PRO B 150 -13.51 4.20 18.63
N LEU B 151 -12.98 3.87 19.79
CA LEU B 151 -12.04 4.73 20.46
C LEU B 151 -10.87 5.15 19.54
N ALA B 152 -10.32 4.21 18.79
CA ALA B 152 -9.18 4.50 17.95
C ALA B 152 -9.52 5.62 16.94
N ALA B 153 -10.74 5.59 16.41
CA ALA B 153 -11.13 6.59 15.43
C ALA B 153 -11.39 7.94 16.05
N ARG B 154 -11.73 7.94 17.29
CA ARG B 154 -11.92 9.20 18.01
C ARG B 154 -10.61 9.90 18.30
N ILE B 155 -9.61 9.10 18.62
CA ILE B 155 -8.24 9.62 18.83
C ILE B 155 -7.67 10.15 17.51
N VAL B 156 -7.81 9.39 16.44
CA VAL B 156 -7.25 9.80 15.18
C VAL B 156 -7.91 11.04 14.61
N ALA B 157 -9.22 11.15 14.77
CA ALA B 157 -9.92 12.36 14.31
C ALA B 157 -9.34 13.65 14.91
N LEU B 158 -8.99 13.62 16.16
CA LEU B 158 -8.41 14.77 16.81
C LEU B 158 -7.00 15.03 16.28
N ALA B 159 -6.18 14.01 16.24
CA ALA B 159 -4.85 14.12 15.69
C ALA B 159 -4.86 14.65 14.28
N ASP B 160 -5.78 14.15 13.51
CA ASP B 160 -5.84 14.55 12.06
C ASP B 160 -6.21 16.01 11.92
N ARG B 161 -7.15 16.50 12.75
CA ARG B 161 -7.55 17.90 12.69
C ARG B 161 -6.40 18.79 13.18
N TYR B 162 -5.76 18.44 14.27
CA TYR B 162 -4.60 19.20 14.67
C TYR B 162 -3.58 19.33 13.54
N ASP B 163 -3.28 18.22 12.87
CA ASP B 163 -2.27 18.21 11.85
C ASP B 163 -2.67 19.09 10.72
N GLU B 164 -3.95 19.03 10.35
CA GLU B 164 -4.41 19.81 9.23
C GLU B 164 -4.37 21.31 9.56
N LEU B 165 -4.72 21.71 10.78
CA LEU B 165 -4.64 23.11 11.17
C LEU B 165 -3.20 23.62 11.20
N THR B 166 -2.23 22.79 11.59
CA THR B 166 -0.86 23.29 11.83
C THR B 166 0.10 22.95 10.69
N SER B 167 -0.41 22.57 9.55
CA SER B 167 0.39 22.36 8.35
C SER B 167 -0.20 23.17 7.15
N ARG B 168 0.53 23.23 6.06
CA ARG B 168 0.21 24.14 4.89
C ARG B 168 -1.04 23.68 4.20
N HIS B 169 -1.81 24.62 3.64
CA HIS B 169 -2.86 24.35 2.58
C HIS B 169 -2.88 25.41 1.48
N ALA B 170 -3.56 25.15 0.37
CA ALA B 170 -3.62 26.13 -0.69
C ALA B 170 -4.28 27.42 -0.19
N TYR B 171 -5.32 27.28 0.60
CA TYR B 171 -6.06 28.43 1.14
C TYR B 171 -5.26 29.33 2.09
N ARG B 172 -4.46 28.73 2.97
CA ARG B 172 -3.72 29.49 4.02
C ARG B 172 -2.38 28.90 4.46
N PRO B 173 -1.59 29.70 5.18
CA PRO B 173 -0.46 29.09 5.95
C PRO B 173 -0.92 28.29 7.20
N PRO B 174 0.00 27.53 7.81
CA PRO B 174 -0.41 26.87 9.06
C PRO B 174 -0.92 27.88 10.11
N LEU B 175 -1.91 27.49 10.91
CA LEU B 175 -2.23 28.20 12.12
C LEU B 175 -1.17 27.98 13.15
N ALA B 176 -0.90 29.04 13.88
CA ALA B 176 -0.04 28.98 15.05
C ALA B 176 -0.60 27.99 16.09
N HIS B 177 0.30 27.37 16.82
CA HIS B 177 -0.02 26.37 17.77
C HIS B 177 -1.07 26.88 18.75
N ALA B 178 -0.85 28.04 19.34
CA ALA B 178 -1.74 28.49 20.41
C ALA B 178 -3.21 28.64 19.93
N GLU B 179 -3.40 29.10 18.70
CA GLU B 179 -4.70 29.19 18.10
C GLU B 179 -5.29 27.85 17.70
N ALA B 180 -4.47 26.93 17.21
CA ALA B 180 -4.95 25.60 16.95
C ALA B 180 -5.45 24.93 18.23
N VAL B 181 -4.80 25.17 19.35
CA VAL B 181 -5.25 24.60 20.59
C VAL B 181 -6.66 25.08 20.95
N LEU B 182 -6.89 26.37 20.82
CA LEU B 182 -8.19 26.92 21.15
C LEU B 182 -9.25 26.36 20.24
N LEU B 183 -8.92 26.23 18.97
CA LEU B 183 -9.82 25.69 18.00
C LEU B 183 -10.20 24.26 18.28
N ILE B 184 -9.24 23.43 18.66
CA ILE B 184 -9.55 22.08 19.03
C ILE B 184 -10.40 22.01 20.30
N GLN B 185 -10.13 22.88 21.24
CA GLN B 185 -10.95 22.98 22.42
C GLN B 185 -12.39 23.35 22.04
N ALA B 186 -12.55 24.22 21.08
CA ALA B 186 -13.84 24.62 20.63
C ALA B 186 -14.65 23.47 20.02
N GLY B 187 -14.00 22.40 19.59
CA GLY B 187 -14.74 21.29 19.02
C GLY B 187 -15.16 20.22 20.06
N ALA B 188 -14.83 20.43 21.34
CA ALA B 188 -15.21 19.47 22.37
C ALA B 188 -16.76 19.29 22.38
N GLY B 189 -17.25 18.07 22.31
CA GLY B 189 -18.72 17.87 22.36
C GLY B 189 -19.38 18.03 21.00
N SER B 190 -18.66 18.50 19.97
CA SER B 190 -19.23 18.46 18.63
C SER B 190 -18.39 17.53 17.70
N GLU B 191 -17.22 17.98 17.28
CA GLU B 191 -16.30 17.15 16.55
C GLU B 191 -15.72 16.03 17.40
N PHE B 192 -15.35 16.33 18.62
CA PHE B 192 -14.50 15.43 19.40
C PHE B 192 -15.14 15.03 20.72
N ASP B 193 -14.76 13.85 21.21
CA ASP B 193 -15.02 13.40 22.55
C ASP B 193 -14.41 14.37 23.59
N PRO B 194 -15.19 14.87 24.55
CA PRO B 194 -14.64 15.89 25.39
C PRO B 194 -13.51 15.38 26.22
N ARG B 195 -13.47 14.10 26.52
CA ARG B 195 -12.34 13.53 27.28
C ARG B 195 -11.07 13.44 26.45
N LEU B 196 -11.19 13.35 25.13
CA LEU B 196 -9.97 13.38 24.34
C LEU B 196 -9.47 14.79 24.24
N VAL B 197 -10.39 15.75 24.25
CA VAL B 197 -9.97 17.14 24.28
C VAL B 197 -9.21 17.48 25.56
N GLU B 198 -9.68 16.99 26.71
CA GLU B 198 -8.93 17.11 27.98
C GLU B 198 -7.51 16.52 27.85
N ALA B 199 -7.40 15.35 27.28
CA ALA B 199 -6.12 14.72 27.13
C ALA B 199 -5.23 15.53 26.22
N PHE B 200 -5.77 15.95 25.07
CA PHE B 200 -5.03 16.87 24.18
C PHE B 200 -4.51 18.14 24.88
N VAL B 201 -5.37 18.75 25.69
CA VAL B 201 -4.91 19.94 26.41
C VAL B 201 -3.73 19.60 27.33
N ALA B 202 -3.73 18.45 27.96
CA ALA B 202 -2.61 18.12 28.87
C ALA B 202 -1.33 17.80 28.10
N VAL B 203 -1.46 17.30 26.87
CA VAL B 203 -0.24 17.04 26.06
C VAL B 203 0.06 18.08 24.97
N ALA B 204 -0.55 19.26 25.03
CA ALA B 204 -0.51 20.18 23.90
C ALA B 204 0.91 20.67 23.67
N ASP B 205 1.69 20.85 24.71
CA ASP B 205 3.02 21.35 24.48
C ASP B 205 3.84 20.31 23.70
N ALA B 206 3.63 19.04 24.00
CA ALA B 206 4.32 18.04 23.23
C ALA B 206 3.84 18.07 21.75
N PHE B 207 2.56 18.34 21.54
CA PHE B 207 2.10 18.43 20.14
C PHE B 207 2.85 19.54 19.40
N ALA B 208 3.03 20.68 20.08
CA ALA B 208 3.77 21.78 19.44
C ALA B 208 5.17 21.39 19.02
N GLU B 209 5.81 20.61 19.88
CA GLU B 209 7.15 20.13 19.58
C GLU B 209 7.20 19.18 18.34
N VAL B 210 6.24 18.26 18.24
CA VAL B 210 6.21 17.39 17.09
C VAL B 210 5.98 18.23 15.84
N ALA B 211 5.06 19.19 15.89
CA ALA B 211 4.73 19.96 14.73
C ALA B 211 5.92 20.75 14.17
N ARG B 212 6.75 21.24 15.06
CA ARG B 212 7.93 21.99 14.67
C ARG B 212 9.02 21.04 14.16
N ARG B 213 9.34 20.02 14.91
CA ARG B 213 10.42 19.14 14.56
C ARG B 213 10.18 18.31 13.27
N TYR B 214 8.93 17.89 13.02
CA TYR B 214 8.56 17.17 11.86
C TYR B 214 7.84 18.05 10.85
N ALA B 215 8.03 19.37 10.91
CA ALA B 215 7.55 20.25 9.87
C ALA B 215 7.92 19.79 8.46
N ASP B 216 7.05 20.11 7.51
CA ASP B 216 7.37 19.87 6.09
C ASP B 216 8.59 20.69 5.63
N SER B 217 9.39 20.09 4.76
CA SER B 217 10.45 20.80 3.97
C SER B 217 9.90 21.47 2.71
#